data_5IUB
#
_entry.id   5IUB
#
_cell.length_a   39.276
_cell.length_b   179.551
_cell.length_c   139.561
_cell.angle_alpha   90.00
_cell.angle_beta   90.00
_cell.angle_gamma   90.00
#
_symmetry.space_group_name_H-M   'C 2 2 21'
#
loop_
_entity.id
_entity.type
_entity.pdbx_description
1 polymer 'Adenosine receptor A2a,Soluble cytochrome b562,Adenosine receptor A2a'
2 non-polymer 'SODIUM ION'
3 non-polymer N~5~-{2-[4-(2,4-difluorophenyl)piperazin-1-yl]ethyl}-2-(furan-2-yl)[1,2,4]triazolo[1,5-a][1,3,5]triazine-5,7-diamine
4 non-polymer CHOLESTEROL
5 non-polymer 'OLEIC ACID'
6 non-polymer '(2S)-2,3-dihydroxypropyl (9Z)-octadec-9-enoate'
7 non-polymer '(2R)-2,3-dihydroxypropyl (9Z)-octadec-9-enoate'
8 water water
#
_entity_poly.entity_id   1
_entity_poly.type   'polypeptide(L)'
_entity_poly.pdbx_seq_one_letter_code
;DYKDDDDGAPPIMGSSVYITVELAIAVLAILGNVLVCWAVWLNSNLQNVTNYFVVSLAAADILVGVLAIPFAITISTGFC
AACHGCLFIACFVLVLAQSSIFSLLAIAIDRYIAIAIPLRYNGLVTGTRAAGIIAICWVLSFAIGLTPMLGWNNCGQPKE
GKAHSQGCGEGQVACLFEDVVPMNYMVYFNFFACVLVPLLLMLGVYLRIFAAARRQLADLEDNWETLNDNLKVIEKADNA
AQVKDALTKMRAAALDAQKATPPKLEDKSPDSPEMKDFRHGFDILVGQIDDALKLANEGKVKEAQAAAEQLKTTRNAYIQ
KYLERARSTLQKEVHAAKSAAIIAGLFALCWLPLHIINCFTFFCPDCSHAPLWLMYLAIVLAHTNSVVNPFIYAYRIREF
RQTFRKIIRSHVLRQQEPFKAAAHHHHHHHHHH
;
_entity_poly.pdbx_strand_id   A
#
# COMPACT_ATOMS: atom_id res chain seq x y z
N GLY A 8 12.46 -41.84 -12.58
CA GLY A 8 12.77 -40.77 -11.63
C GLY A 8 14.07 -40.07 -11.93
N ALA A 9 14.00 -38.97 -12.68
CA ALA A 9 15.19 -38.24 -13.08
C ALA A 9 15.97 -37.80 -11.85
N PRO A 10 17.29 -37.65 -11.96
CA PRO A 10 18.11 -37.25 -10.80
C PRO A 10 17.59 -35.96 -10.18
N PRO A 11 17.43 -35.94 -8.85
CA PRO A 11 16.85 -34.76 -8.21
C PRO A 11 17.68 -33.50 -8.39
N ILE A 12 19.00 -33.64 -8.54
CA ILE A 12 19.86 -32.48 -8.68
C ILE A 12 19.59 -31.72 -9.97
N MET A 13 18.98 -32.36 -10.96
CA MET A 13 18.67 -31.68 -12.22
C MET A 13 17.52 -30.69 -12.04
N GLY A 14 16.37 -31.19 -11.60
CA GLY A 14 15.27 -30.30 -11.27
C GLY A 14 15.63 -29.30 -10.20
N SER A 15 16.49 -29.70 -9.26
N SER A 15 16.49 -29.70 -9.26
CA SER A 15 16.96 -28.77 -8.23
CA SER A 15 16.95 -28.76 -8.24
C SER A 15 17.82 -27.67 -8.84
C SER A 15 17.82 -27.67 -8.84
N SER A 16 18.60 -28.00 -9.89
CA SER A 16 19.46 -27.00 -10.50
C SER A 16 18.66 -25.87 -11.14
N VAL A 17 17.53 -26.21 -11.77
CA VAL A 17 16.67 -25.17 -12.35
C VAL A 17 16.06 -24.32 -11.25
N TYR A 18 15.51 -24.96 -10.22
CA TYR A 18 14.89 -24.22 -9.13
C TYR A 18 15.91 -23.34 -8.41
N ILE A 19 17.10 -23.87 -8.14
CA ILE A 19 18.12 -23.08 -7.45
C ILE A 19 18.58 -21.92 -8.33
N THR A 20 18.78 -22.17 -9.62
CA THR A 20 19.24 -21.11 -10.52
C THR A 20 18.22 -19.98 -10.59
N VAL A 21 16.93 -20.32 -10.71
CA VAL A 21 15.89 -19.30 -10.76
C VAL A 21 15.84 -18.53 -9.45
N GLU A 22 15.95 -19.24 -8.31
CA GLU A 22 15.91 -18.57 -7.01
C GLU A 22 17.06 -17.58 -6.87
N LEU A 23 18.27 -17.97 -7.26
CA LEU A 23 19.40 -17.07 -7.18
C LEU A 23 19.21 -15.87 -8.10
N ALA A 24 18.62 -16.08 -9.28
CA ALA A 24 18.34 -14.97 -10.18
C ALA A 24 17.33 -14.01 -9.54
N ILE A 25 16.32 -14.55 -8.86
CA ILE A 25 15.37 -13.70 -8.15
C ILE A 25 16.05 -12.96 -7.02
N ALA A 26 16.94 -13.63 -6.29
CA ALA A 26 17.61 -13.00 -5.15
C ALA A 26 18.44 -11.80 -5.59
N VAL A 27 19.20 -11.96 -6.67
N VAL A 27 19.18 -11.93 -6.69
CA VAL A 27 20.03 -10.86 -7.18
CA VAL A 27 20.03 -10.82 -7.12
C VAL A 27 19.14 -9.68 -7.55
C VAL A 27 19.20 -9.66 -7.65
N LEU A 28 18.05 -9.94 -8.26
CA LEU A 28 17.17 -8.85 -8.70
C LEU A 28 16.45 -8.21 -7.52
N ALA A 29 16.13 -8.99 -6.49
CA ALA A 29 15.48 -8.43 -5.31
C ALA A 29 16.42 -7.53 -4.54
N ILE A 30 17.71 -7.88 -4.46
N ILE A 30 17.70 -7.89 -4.47
CA ILE A 30 18.66 -7.06 -3.72
CA ILE A 30 18.68 -7.07 -3.75
C ILE A 30 18.93 -5.75 -4.46
C ILE A 30 18.90 -5.75 -4.47
N LEU A 31 19.27 -5.83 -5.75
CA LEU A 31 19.65 -4.64 -6.51
C LEU A 31 18.50 -3.64 -6.59
N GLY A 32 17.30 -4.11 -6.93
CA GLY A 32 16.18 -3.20 -7.10
C GLY A 32 15.80 -2.48 -5.83
N ASN A 33 15.76 -3.19 -4.71
CA ASN A 33 15.29 -2.59 -3.47
C ASN A 33 16.39 -1.81 -2.75
N VAL A 34 17.66 -2.15 -2.97
CA VAL A 34 18.74 -1.27 -2.53
C VAL A 34 18.65 0.05 -3.26
N LEU A 35 18.30 0.02 -4.55
CA LEU A 35 18.10 1.24 -5.31
C LEU A 35 16.96 2.08 -4.73
N VAL A 36 15.91 1.42 -4.24
CA VAL A 36 14.81 2.15 -3.60
C VAL A 36 15.29 2.84 -2.32
N CYS A 37 15.99 2.11 -1.46
CA CYS A 37 16.49 2.70 -0.22
C CYS A 37 17.50 3.80 -0.50
N TRP A 38 18.37 3.59 -1.49
CA TRP A 38 19.34 4.61 -1.87
C TRP A 38 18.64 5.89 -2.33
N ALA A 39 17.53 5.75 -3.06
CA ALA A 39 16.82 6.92 -3.58
C ALA A 39 16.20 7.73 -2.45
N VAL A 40 15.56 7.05 -1.49
CA VAL A 40 14.93 7.75 -0.37
C VAL A 40 15.98 8.41 0.50
N TRP A 41 17.15 7.78 0.65
CA TRP A 41 18.22 8.37 1.45
C TRP A 41 18.74 9.66 0.81
N LEU A 42 18.86 9.69 -0.51
CA LEU A 42 19.49 10.81 -1.20
C LEU A 42 18.55 11.98 -1.44
N ASN A 43 17.28 11.71 -1.74
CA ASN A 43 16.33 12.75 -2.16
C ASN A 43 15.45 13.15 -0.99
N SER A 44 15.55 14.42 -0.58
N SER A 44 15.54 14.42 -0.59
CA SER A 44 14.68 14.94 0.48
CA SER A 44 14.69 14.93 0.48
C SER A 44 13.23 15.00 0.07
C SER A 44 13.22 14.97 0.07
N ASN A 45 12.95 15.11 -1.24
CA ASN A 45 11.58 15.11 -1.71
C ASN A 45 10.91 13.75 -1.58
N LEU A 46 11.71 12.69 -1.45
CA LEU A 46 11.20 11.35 -1.21
C LEU A 46 11.18 10.99 0.27
N GLN A 47 11.57 11.91 1.14
CA GLN A 47 11.63 11.64 2.58
C GLN A 47 10.33 12.09 3.21
N ASN A 48 9.39 11.15 3.33
CA ASN A 48 8.11 11.38 4.00
C ASN A 48 7.69 10.09 4.66
N VAL A 49 6.61 10.17 5.45
CA VAL A 49 6.15 8.99 6.19
C VAL A 49 5.79 7.85 5.25
N THR A 50 5.10 8.17 4.14
CA THR A 50 4.70 7.14 3.20
C THR A 50 5.89 6.33 2.70
N ASN A 51 6.98 7.02 2.36
CA ASN A 51 8.17 6.34 1.84
C ASN A 51 9.01 5.69 2.93
N TYR A 52 8.79 6.03 4.20
CA TYR A 52 9.46 5.30 5.28
C TYR A 52 8.92 3.88 5.37
N PHE A 53 7.60 3.71 5.17
CA PHE A 53 7.05 2.36 5.06
C PHE A 53 7.47 1.69 3.76
N VAL A 54 7.66 2.48 2.69
CA VAL A 54 8.21 1.93 1.45
C VAL A 54 9.61 1.38 1.69
N VAL A 55 10.42 2.09 2.48
CA VAL A 55 11.76 1.63 2.80
C VAL A 55 11.69 0.36 3.63
N SER A 56 10.83 0.34 4.65
CA SER A 56 10.65 -0.87 5.46
CA SER A 56 10.65 -0.87 5.45
C SER A 56 10.20 -2.03 4.59
N LEU A 57 9.31 -1.77 3.62
CA LEU A 57 8.91 -2.80 2.67
C LEU A 57 10.09 -3.22 1.81
N ALA A 58 10.92 -2.27 1.38
CA ALA A 58 12.10 -2.60 0.60
C ALA A 58 13.13 -3.37 1.42
N ALA A 59 13.24 -3.06 2.71
CA ALA A 59 14.17 -3.79 3.56
C ALA A 59 13.78 -5.26 3.68
N ALA A 60 12.48 -5.53 3.82
CA ALA A 60 12.03 -6.92 3.90
C ALA A 60 12.32 -7.67 2.60
N ASP A 61 12.13 -7.02 1.45
CA ASP A 61 12.43 -7.66 0.18
C ASP A 61 13.94 -7.87 0.01
N ILE A 62 14.76 -6.97 0.54
CA ILE A 62 16.20 -7.20 0.57
C ILE A 62 16.52 -8.45 1.38
N LEU A 63 15.85 -8.62 2.53
CA LEU A 63 16.08 -9.80 3.35
C LEU A 63 15.56 -11.07 2.69
N VAL A 64 14.60 -10.97 1.78
CA VAL A 64 14.15 -12.14 1.02
C VAL A 64 15.29 -12.68 0.17
N GLY A 65 16.02 -11.79 -0.49
CA GLY A 65 17.15 -12.19 -1.32
C GLY A 65 18.37 -12.63 -0.53
N VAL A 66 18.64 -11.95 0.59
CA VAL A 66 19.83 -12.25 1.37
C VAL A 66 19.63 -13.50 2.23
N LEU A 67 18.42 -13.71 2.76
CA LEU A 67 18.20 -14.76 3.74
C LEU A 67 17.11 -15.74 3.34
N ALA A 68 15.91 -15.25 3.01
CA ALA A 68 14.78 -16.16 2.78
C ALA A 68 15.04 -17.10 1.61
N ILE A 69 15.61 -16.58 0.53
CA ILE A 69 15.85 -17.40 -0.67
C ILE A 69 16.97 -18.41 -0.40
N PRO A 70 18.11 -18.02 0.21
CA PRO A 70 19.05 -19.05 0.65
C PRO A 70 18.44 -20.05 1.61
N PHE A 71 17.53 -19.60 2.49
CA PHE A 71 16.85 -20.53 3.38
C PHE A 71 15.95 -21.47 2.62
N ALA A 72 15.24 -20.96 1.61
CA ALA A 72 14.35 -21.81 0.82
C ALA A 72 15.14 -22.84 0.01
N ILE A 73 16.29 -22.43 -0.54
CA ILE A 73 17.15 -23.38 -1.23
C ILE A 73 17.63 -24.46 -0.26
N THR A 74 17.99 -24.06 0.96
CA THR A 74 18.51 -25.01 1.94
C THR A 74 17.43 -26.04 2.32
N ILE A 75 16.21 -25.57 2.56
CA ILE A 75 15.17 -26.48 3.03
C ILE A 75 14.63 -27.38 1.91
N SER A 76 14.86 -27.01 0.65
CA SER A 76 14.44 -27.87 -0.46
C SER A 76 15.28 -29.14 -0.58
N THR A 77 16.43 -29.20 0.09
CA THR A 77 17.29 -30.37 0.05
C THR A 77 16.89 -31.43 1.06
N GLY A 78 16.06 -31.08 2.05
CA GLY A 78 15.71 -32.03 3.08
C GLY A 78 16.87 -32.45 3.96
N PHE A 79 17.85 -31.57 4.13
CA PHE A 79 19.05 -31.90 4.90
C PHE A 79 18.70 -32.17 6.36
N CYS A 80 19.55 -32.97 7.01
CA CYS A 80 19.36 -33.27 8.42
C CYS A 80 19.62 -32.03 9.27
N ALA A 81 18.75 -31.78 10.23
CA ALA A 81 18.90 -30.62 11.10
C ALA A 81 18.10 -30.83 12.37
N ALA A 82 18.56 -30.19 13.45
CA ALA A 82 17.74 -30.08 14.65
C ALA A 82 16.43 -29.40 14.30
N CYS A 83 15.32 -29.93 14.81
CA CYS A 83 14.01 -29.55 14.29
C CYS A 83 13.70 -28.08 14.52
N HIS A 84 14.11 -27.53 15.67
CA HIS A 84 13.82 -26.12 15.94
C HIS A 84 14.67 -25.19 15.10
N GLY A 85 15.91 -25.57 14.80
CA GLY A 85 16.69 -24.82 13.82
C GLY A 85 16.09 -24.92 12.44
N CYS A 86 15.53 -26.09 12.10
CA CYS A 86 14.81 -26.24 10.85
C CYS A 86 13.60 -25.33 10.79
N LEU A 87 12.92 -25.15 11.92
CA LEU A 87 11.75 -24.28 11.96
C LEU A 87 12.13 -22.84 11.65
N PHE A 88 13.28 -22.38 12.13
CA PHE A 88 13.68 -21.00 11.89
C PHE A 88 13.94 -20.76 10.41
N ILE A 89 14.67 -21.68 9.76
N ILE A 89 14.63 -21.68 9.73
CA ILE A 89 14.88 -21.63 8.32
CA ILE A 89 14.86 -21.48 8.30
C ILE A 89 13.55 -21.59 7.59
C ILE A 89 13.62 -21.76 7.47
N ALA A 90 12.60 -22.40 8.05
CA ALA A 90 11.33 -22.54 7.34
C ALA A 90 10.44 -21.31 7.53
N CYS A 91 10.49 -20.70 8.71
CA CYS A 91 9.52 -19.70 9.11
C CYS A 91 10.00 -18.26 8.98
N PHE A 92 11.30 -18.03 8.75
CA PHE A 92 11.79 -16.66 8.67
C PHE A 92 11.13 -15.89 7.53
N VAL A 93 10.83 -16.57 6.42
CA VAL A 93 10.16 -15.90 5.31
C VAL A 93 8.77 -15.43 5.74
N LEU A 94 8.16 -16.10 6.71
CA LEU A 94 6.87 -15.64 7.21
C LEU A 94 7.00 -14.33 7.98
N VAL A 95 8.15 -14.10 8.61
CA VAL A 95 8.41 -12.82 9.26
C VAL A 95 8.48 -11.71 8.21
N LEU A 96 9.18 -11.96 7.12
CA LEU A 96 9.32 -10.96 6.07
C LEU A 96 8.00 -10.69 5.37
N ALA A 97 7.24 -11.76 5.09
CA ALA A 97 5.93 -11.59 4.48
C ALA A 97 5.00 -10.83 5.41
N GLN A 98 5.05 -11.14 6.71
CA GLN A 98 4.19 -10.43 7.66
C GLN A 98 4.57 -8.97 7.77
N SER A 99 5.88 -8.68 7.79
CA SER A 99 6.33 -7.29 7.83
C SER A 99 5.86 -6.53 6.60
N SER A 100 5.90 -7.17 5.44
CA SER A 100 5.40 -6.55 4.22
C SER A 100 3.92 -6.21 4.35
N ILE A 101 3.14 -7.10 4.96
CA ILE A 101 1.72 -6.86 5.14
CA ILE A 101 1.72 -6.85 5.13
C ILE A 101 1.49 -5.64 6.02
N PHE A 102 2.24 -5.51 7.11
CA PHE A 102 2.09 -4.36 8.00
C PHE A 102 2.46 -3.07 7.27
N SER A 103 3.54 -3.09 6.49
CA SER A 103 3.94 -1.89 5.75
C SER A 103 2.88 -1.53 4.70
N LEU A 104 2.35 -2.53 4.01
CA LEU A 104 1.32 -2.26 3.00
C LEU A 104 0.06 -1.68 3.65
N LEU A 105 -0.32 -2.19 4.82
CA LEU A 105 -1.49 -1.66 5.50
C LEU A 105 -1.24 -0.24 5.98
N ALA A 106 -0.03 0.06 6.46
CA ALA A 106 0.27 1.41 6.92
C ALA A 106 0.27 2.40 5.77
N ILE A 107 0.78 1.99 4.61
CA ILE A 107 0.78 2.87 3.44
C ILE A 107 -0.64 3.24 3.04
N ALA A 108 -1.54 2.25 3.04
CA ALA A 108 -2.94 2.52 2.72
C ALA A 108 -3.56 3.46 3.75
N ILE A 109 -3.30 3.21 5.04
CA ILE A 109 -3.84 4.07 6.09
C ILE A 109 -3.27 5.48 5.99
N ASP A 110 -1.96 5.58 5.70
CA ASP A 110 -1.34 6.89 5.53
C ASP A 110 -1.99 7.66 4.37
N ARG A 111 -2.31 6.96 3.28
CA ARG A 111 -2.94 7.62 2.15
C ARG A 111 -4.38 8.01 2.47
N TYR A 112 -5.05 7.25 3.34
CA TYR A 112 -6.41 7.62 3.72
C TYR A 112 -6.42 8.89 4.58
N ILE A 113 -5.49 9.01 5.52
CA ILE A 113 -5.43 10.19 6.37
C ILE A 113 -5.16 11.43 5.52
N ALA A 114 -4.28 11.32 4.53
CA ALA A 114 -3.91 12.48 3.73
C ALA A 114 -5.06 12.97 2.86
N ILE A 115 -5.98 12.08 2.50
CA ILE A 115 -7.04 12.45 1.57
C ILE A 115 -8.34 12.72 2.32
N ALA A 116 -8.52 12.12 3.49
CA ALA A 116 -9.74 12.31 4.24
C ALA A 116 -9.66 13.47 5.22
N ILE A 117 -8.50 13.68 5.83
CA ILE A 117 -8.29 14.80 6.74
C ILE A 117 -6.94 15.45 6.45
N PRO A 118 -6.76 16.08 5.28
CA PRO A 118 -5.46 16.67 4.96
C PRO A 118 -5.08 17.83 5.87
N LEU A 119 -6.05 18.49 6.51
CA LEU A 119 -5.72 19.63 7.35
C LEU A 119 -4.96 19.22 8.60
N ARG A 120 -5.24 18.04 9.14
CA ARG A 120 -4.59 17.55 10.34
C ARG A 120 -3.64 16.39 10.07
N TYR A 121 -3.30 16.14 8.81
CA TYR A 121 -2.41 15.03 8.49
C TYR A 121 -1.02 15.25 9.08
N ASN A 122 -0.41 16.41 8.81
CA ASN A 122 0.97 16.65 9.19
C ASN A 122 1.17 16.61 10.70
N GLY A 123 0.18 17.07 11.47
CA GLY A 123 0.26 16.95 12.91
C GLY A 123 -0.01 15.56 13.43
N LEU A 124 -0.78 14.77 12.68
CA LEU A 124 -1.12 13.42 13.13
C LEU A 124 -0.07 12.41 12.69
N VAL A 125 0.44 12.55 11.47
CA VAL A 125 1.34 11.58 10.86
C VAL A 125 2.71 12.23 10.77
N THR A 126 3.59 11.90 11.72
CA THR A 126 4.94 12.45 11.77
C THR A 126 5.97 11.35 11.54
N GLY A 127 7.21 11.78 11.29
CA GLY A 127 8.27 10.82 11.03
C GLY A 127 8.65 10.01 12.26
N THR A 128 8.60 10.63 13.44
CA THR A 128 8.94 9.91 14.66
C THR A 128 7.90 8.84 14.98
N ARG A 129 6.62 9.19 14.86
CA ARG A 129 5.57 8.20 15.10
C ARG A 129 5.62 7.07 14.08
N ALA A 130 6.02 7.37 12.84
CA ALA A 130 6.14 6.33 11.83
C ALA A 130 7.26 5.35 12.19
N ALA A 131 8.38 5.85 12.71
CA ALA A 131 9.49 4.98 13.08
C ALA A 131 9.10 4.03 14.21
N GLY A 132 8.34 4.53 15.18
CA GLY A 132 7.87 3.66 16.25
C GLY A 132 6.91 2.60 15.75
N ILE A 133 6.06 2.96 14.80
CA ILE A 133 5.14 1.98 14.21
C ILE A 133 5.91 0.92 13.45
N ILE A 134 6.94 1.32 12.70
CA ILE A 134 7.74 0.37 11.94
C ILE A 134 8.44 -0.60 12.88
N ALA A 135 9.02 -0.08 13.97
CA ALA A 135 9.69 -0.95 14.93
C ALA A 135 8.72 -1.93 15.56
N ILE A 136 7.53 -1.47 15.94
CA ILE A 136 6.54 -2.35 16.55
C ILE A 136 6.09 -3.42 15.57
N CYS A 137 5.87 -3.03 14.31
CA CYS A 137 5.40 -3.99 13.32
C CYS A 137 6.44 -5.06 13.02
N TRP A 138 7.73 -4.72 13.09
CA TRP A 138 8.77 -5.72 12.90
C TRP A 138 8.80 -6.69 14.07
N VAL A 139 8.66 -6.19 15.30
CA VAL A 139 8.59 -7.08 16.46
C VAL A 139 7.37 -8.00 16.35
N LEU A 140 6.23 -7.44 15.94
CA LEU A 140 5.03 -8.25 15.79
CA LEU A 140 5.03 -8.24 15.78
C LEU A 140 5.18 -9.26 14.65
N SER A 141 5.93 -8.91 13.61
N SER A 141 5.93 -8.92 13.61
CA SER A 141 6.13 -9.85 12.51
CA SER A 141 6.13 -9.85 12.51
C SER A 141 6.98 -11.03 12.93
C SER A 141 6.99 -11.03 12.92
N PHE A 142 7.98 -10.80 13.78
CA PHE A 142 8.77 -11.91 14.31
C PHE A 142 7.93 -12.82 15.18
N ALA A 143 7.06 -12.24 16.02
CA ALA A 143 6.20 -13.06 16.87
C ALA A 143 5.23 -13.88 16.03
N ILE A 144 4.62 -13.27 15.03
CA ILE A 144 3.67 -13.99 14.18
C ILE A 144 4.38 -15.06 13.35
N GLY A 145 5.46 -14.67 12.66
CA GLY A 145 6.12 -15.59 11.75
C GLY A 145 6.83 -16.73 12.43
N LEU A 146 7.36 -16.49 13.63
CA LEU A 146 8.07 -17.52 14.40
C LEU A 146 7.20 -18.15 15.48
N THR A 147 5.89 -17.97 15.42
CA THR A 147 4.99 -18.67 16.33
C THR A 147 5.20 -20.19 16.37
N PRO A 148 5.48 -20.88 15.25
CA PRO A 148 5.82 -22.31 15.37
C PRO A 148 6.99 -22.59 16.29
N MET A 149 7.96 -21.69 16.40
N MET A 149 7.95 -21.67 16.41
CA MET A 149 9.07 -21.90 17.32
CA MET A 149 9.06 -21.85 17.32
C MET A 149 8.65 -21.81 18.77
C MET A 149 8.60 -21.91 18.77
N LEU A 150 7.45 -21.32 19.06
N LEU A 150 7.46 -21.31 19.09
CA LEU A 150 6.92 -21.25 20.42
CA LEU A 150 6.96 -21.26 20.45
C LEU A 150 6.23 -22.53 20.86
C LEU A 150 6.25 -22.54 20.86
N GLY A 151 6.12 -23.52 19.98
CA GLY A 151 5.52 -24.79 20.34
C GLY A 151 4.52 -25.33 19.33
N TRP A 152 4.01 -24.47 18.45
CA TRP A 152 3.03 -24.88 17.44
C TRP A 152 3.78 -25.47 16.25
N ASN A 153 4.32 -26.68 16.46
CA ASN A 153 5.12 -27.34 15.45
C ASN A 153 4.90 -28.84 15.55
N ASN A 154 5.51 -29.57 14.60
CA ASN A 154 5.46 -31.01 14.55
C ASN A 154 6.77 -31.64 15.01
N CYS A 155 7.59 -30.90 15.77
CA CYS A 155 8.87 -31.44 16.23
C CYS A 155 8.69 -32.53 17.26
N GLY A 156 7.55 -32.56 17.96
CA GLY A 156 7.28 -33.65 18.89
C GLY A 156 6.92 -34.96 18.23
N GLN A 157 6.61 -34.94 16.94
CA GLN A 157 6.23 -36.15 16.20
C GLN A 157 7.04 -36.23 14.91
N PRO A 158 8.35 -36.44 15.00
CA PRO A 158 9.19 -36.42 13.80
C PRO A 158 8.97 -37.65 12.94
N LYS A 159 9.23 -37.48 11.64
CA LYS A 159 9.19 -38.61 10.71
C LYS A 159 10.49 -39.39 10.87
N GLU A 160 10.45 -40.39 11.73
CA GLU A 160 11.68 -41.10 12.08
C GLU A 160 12.18 -41.95 10.91
N GLY A 161 11.26 -42.55 10.15
CA GLY A 161 11.68 -43.33 8.99
C GLY A 161 12.37 -42.48 7.94
N LYS A 162 11.84 -41.27 7.71
CA LYS A 162 12.50 -40.36 6.78
C LYS A 162 13.84 -39.87 7.35
N ALA A 163 13.91 -39.69 8.67
CA ALA A 163 15.16 -39.24 9.28
C ALA A 163 16.23 -40.32 9.22
N HIS A 164 15.84 -41.58 9.45
CA HIS A 164 16.83 -42.67 9.39
C HIS A 164 17.30 -42.90 7.95
N SER A 165 16.40 -42.83 6.98
CA SER A 165 16.77 -43.06 5.60
C SER A 165 17.75 -42.01 5.08
N GLN A 166 17.68 -40.79 5.62
CA GLN A 166 18.62 -39.74 5.28
C GLN A 166 19.91 -39.81 6.09
N GLY A 167 20.04 -40.79 6.98
CA GLY A 167 21.21 -40.89 7.81
C GLY A 167 21.31 -39.81 8.88
N CYS A 168 20.20 -39.21 9.27
CA CYS A 168 20.23 -38.14 10.25
C CYS A 168 20.70 -38.66 11.60
N GLY A 169 21.34 -37.79 12.37
CA GLY A 169 21.78 -38.12 13.70
C GLY A 169 20.64 -38.12 14.70
N GLU A 170 20.97 -38.45 15.94
CA GLU A 170 19.97 -38.49 17.00
C GLU A 170 19.48 -37.07 17.30
N GLY A 171 18.17 -36.92 17.41
CA GLY A 171 17.56 -35.63 17.62
C GLY A 171 17.40 -34.77 16.40
N GLN A 172 17.73 -35.29 15.21
CA GLN A 172 17.62 -34.55 13.97
C GLN A 172 16.45 -35.07 13.15
N VAL A 173 15.99 -34.22 12.22
CA VAL A 173 14.95 -34.58 11.28
C VAL A 173 15.39 -34.13 9.89
N ALA A 174 14.80 -34.77 8.88
CA ALA A 174 14.93 -34.26 7.52
C ALA A 174 14.17 -32.94 7.41
N CYS A 175 14.91 -31.86 7.17
CA CYS A 175 14.33 -30.52 7.24
C CYS A 175 13.48 -30.27 6.00
N LEU A 176 12.18 -30.52 6.13
N LEU A 176 12.18 -30.53 6.13
CA LEU A 176 11.22 -30.28 5.07
CA LEU A 176 11.20 -30.31 5.08
C LEU A 176 10.09 -29.43 5.61
C LEU A 176 10.11 -29.40 5.62
N PHE A 177 9.65 -28.45 4.79
CA PHE A 177 8.70 -27.45 5.26
C PHE A 177 7.43 -28.07 5.82
N GLU A 178 6.75 -28.87 5.01
CA GLU A 178 5.47 -29.44 5.44
C GLU A 178 5.63 -30.52 6.49
N ASP A 179 6.85 -30.97 6.78
CA ASP A 179 7.05 -31.95 7.85
C ASP A 179 7.13 -31.29 9.21
N VAL A 180 7.61 -30.05 9.30
CA VAL A 180 7.85 -29.40 10.58
C VAL A 180 6.86 -28.28 10.87
N VAL A 181 6.32 -27.61 9.86
CA VAL A 181 5.38 -26.51 10.04
C VAL A 181 3.97 -27.07 9.93
N PRO A 182 3.14 -26.97 10.97
CA PRO A 182 1.78 -27.50 10.88
C PRO A 182 0.95 -26.73 9.86
N MET A 183 0.15 -27.47 9.10
N MET A 183 0.15 -27.48 9.10
CA MET A 183 -0.66 -26.83 8.07
CA MET A 183 -0.68 -26.86 8.07
C MET A 183 -1.85 -26.08 8.65
C MET A 183 -1.81 -26.03 8.68
N ASN A 184 -2.30 -26.42 9.85
CA ASN A 184 -3.36 -25.65 10.49
C ASN A 184 -2.86 -24.27 10.93
N TYR A 185 -1.58 -24.18 11.32
CA TYR A 185 -0.97 -22.87 11.50
C TYR A 185 -0.92 -22.10 10.19
N MET A 186 -0.50 -22.77 9.11
CA MET A 186 -0.31 -22.08 7.83
C MET A 186 -1.62 -21.58 7.26
N VAL A 187 -2.73 -22.26 7.52
CA VAL A 187 -4.01 -21.92 6.90
C VAL A 187 -4.81 -21.01 7.82
N TYR A 188 -5.07 -21.47 9.05
CA TYR A 188 -5.92 -20.72 9.97
C TYR A 188 -5.20 -19.49 10.51
N PHE A 189 -3.99 -19.67 11.03
CA PHE A 189 -3.30 -18.58 11.72
C PHE A 189 -2.58 -17.67 10.74
N ASN A 190 -1.73 -18.22 9.89
CA ASN A 190 -0.91 -17.38 9.01
C ASN A 190 -1.75 -16.82 7.86
N PHE A 191 -2.42 -17.70 7.10
CA PHE A 191 -3.16 -17.24 5.93
C PHE A 191 -4.41 -16.45 6.33
N PHE A 192 -5.38 -17.12 6.94
CA PHE A 192 -6.67 -16.49 7.20
C PHE A 192 -6.53 -15.27 8.11
N ALA A 193 -5.91 -15.45 9.28
CA ALA A 193 -5.88 -14.38 10.27
C ALA A 193 -4.84 -13.31 9.95
N CYS A 194 -3.64 -13.71 9.54
CA CYS A 194 -2.53 -12.76 9.45
C CYS A 194 -2.27 -12.24 8.04
N VAL A 195 -2.84 -12.87 7.01
CA VAL A 195 -2.63 -12.42 5.64
C VAL A 195 -3.95 -12.00 5.01
N LEU A 196 -4.93 -12.89 5.02
N LEU A 196 -4.92 -12.91 5.00
CA LEU A 196 -6.19 -12.63 4.33
CA LEU A 196 -6.19 -12.63 4.34
C LEU A 196 -6.95 -11.47 4.96
C LEU A 196 -6.90 -11.45 4.98
N VAL A 197 -7.09 -11.49 6.29
CA VAL A 197 -7.83 -10.42 6.97
C VAL A 197 -7.17 -9.06 6.79
N PRO A 198 -5.85 -8.89 6.99
CA PRO A 198 -5.25 -7.58 6.69
C PRO A 198 -5.40 -7.17 5.23
N LEU A 199 -5.30 -8.12 4.29
CA LEU A 199 -5.48 -7.79 2.88
C LEU A 199 -6.89 -7.28 2.61
N LEU A 200 -7.89 -7.91 3.25
CA LEU A 200 -9.27 -7.43 3.09
C LEU A 200 -9.45 -6.07 3.73
N LEU A 201 -8.79 -5.82 4.86
CA LEU A 201 -8.81 -4.49 5.45
C LEU A 201 -8.17 -3.46 4.53
N MET A 202 -7.09 -3.85 3.84
N MET A 202 -7.09 -3.86 3.84
CA MET A 202 -6.46 -2.95 2.89
CA MET A 202 -6.44 -2.96 2.88
C MET A 202 -7.42 -2.59 1.76
C MET A 202 -7.39 -2.59 1.75
N LEU A 203 -8.15 -3.57 1.25
CA LEU A 203 -9.11 -3.30 0.18
C LEU A 203 -10.20 -2.35 0.65
N GLY A 204 -10.68 -2.52 1.88
CA GLY A 204 -11.67 -1.59 2.41
C GLY A 204 -11.13 -0.19 2.57
N VAL A 205 -9.85 -0.07 2.95
CA VAL A 205 -9.24 1.25 3.08
C VAL A 205 -9.12 1.91 1.71
N TYR A 206 -8.71 1.14 0.69
CA TYR A 206 -8.56 1.71 -0.64
C TYR A 206 -9.92 2.08 -1.24
N LEU A 207 -10.95 1.29 -0.95
CA LEU A 207 -12.29 1.67 -1.37
C LEU A 207 -12.72 2.99 -0.75
N ARG A 208 -12.39 3.20 0.54
CA ARG A 208 -12.71 4.46 1.20
C ARG A 208 -11.91 5.61 0.61
N ILE A 209 -10.66 5.36 0.24
CA ILE A 209 -9.82 6.41 -0.35
C ILE A 209 -10.41 6.90 -1.66
N PHE A 210 -10.70 5.98 -2.58
CA PHE A 210 -11.22 6.37 -3.87
C PHE A 210 -12.63 6.96 -3.76
N ALA A 211 -13.43 6.47 -2.81
CA ALA A 211 -14.75 7.07 -2.60
C ALA A 211 -14.62 8.48 -2.03
N ALA A 212 -13.65 8.71 -1.15
CA ALA A 212 -13.42 10.05 -0.62
C ALA A 212 -12.92 10.99 -1.72
N ALA A 213 -12.04 10.50 -2.58
CA ALA A 213 -11.55 11.32 -3.69
C ALA A 213 -12.68 11.66 -4.66
N ARG A 214 -13.53 10.67 -4.97
CA ARG A 214 -14.64 10.90 -5.89
C ARG A 214 -15.64 11.89 -5.29
N ARG A 215 -15.88 11.79 -3.98
CA ARG A 215 -16.81 12.72 -3.34
C ARG A 215 -16.25 14.14 -3.30
N GLN A 216 -14.95 14.28 -3.00
CA GLN A 216 -14.36 15.61 -2.92
C GLN A 216 -14.30 16.27 -4.30
N LEU A 217 -14.03 15.49 -5.35
CA LEU A 217 -14.05 16.04 -6.70
C LEU A 217 -15.44 16.50 -7.08
N ALA A 218 -16.47 15.71 -6.73
CA ALA A 218 -17.84 16.11 -7.03
C ALA A 218 -18.25 17.35 -6.25
N ASP A 219 -17.73 17.52 -5.03
CA ASP A 219 -18.05 18.72 -4.26
C ASP A 219 -17.45 19.97 -4.90
N LEU A 220 -16.22 19.87 -5.39
CA LEU A 220 -15.62 21.00 -6.10
C LEU A 220 -16.45 21.37 -7.31
N GLU A 221 -16.84 20.39 -8.11
CA GLU A 221 -17.67 20.66 -9.29
C GLU A 221 -19.05 21.13 -8.90
N ASP A 222 -19.56 20.71 -7.74
CA ASP A 222 -20.87 21.19 -7.29
C ASP A 222 -20.81 22.65 -6.86
N ASN A 223 -19.75 23.04 -6.15
CA ASN A 223 -19.60 24.45 -5.79
C ASN A 223 -19.32 25.32 -7.00
N TRP A 224 -18.62 24.77 -8.00
CA TRP A 224 -18.40 25.51 -9.24
C TRP A 224 -19.70 25.71 -10.00
N GLU A 225 -20.54 24.67 -10.04
CA GLU A 225 -21.85 24.82 -10.70
C GLU A 225 -22.75 25.77 -9.93
N THR A 226 -22.78 25.64 -8.60
CA THR A 226 -23.60 26.54 -7.78
C THR A 226 -23.20 27.99 -7.99
N LEU A 227 -21.89 28.26 -8.14
CA LEU A 227 -21.43 29.61 -8.39
C LEU A 227 -21.96 30.14 -9.72
N ASN A 228 -21.90 29.32 -10.77
CA ASN A 228 -22.31 29.78 -12.10
C ASN A 228 -23.82 29.77 -12.28
N ASP A 229 -24.53 28.85 -11.62
CA ASP A 229 -25.98 28.77 -11.76
C ASP A 229 -26.65 29.99 -11.13
N ASN A 230 -26.28 30.31 -9.89
CA ASN A 230 -26.89 31.43 -9.20
C ASN A 230 -26.56 32.77 -9.84
N LEU A 231 -25.45 32.87 -10.57
CA LEU A 231 -25.16 34.08 -11.33
C LEU A 231 -26.19 34.28 -12.43
N LYS A 232 -26.57 33.20 -13.11
CA LYS A 232 -27.62 33.28 -14.13
C LYS A 232 -28.95 33.67 -13.51
N VAL A 233 -29.26 33.12 -12.33
CA VAL A 233 -30.50 33.46 -11.64
C VAL A 233 -30.56 34.95 -11.35
N ILE A 234 -29.43 35.54 -10.96
CA ILE A 234 -29.41 36.96 -10.62
C ILE A 234 -29.63 37.81 -11.86
N GLU A 235 -29.03 37.43 -12.99
CA GLU A 235 -29.11 38.25 -14.19
C GLU A 235 -30.55 38.36 -14.70
N LYS A 236 -31.32 37.28 -14.60
CA LYS A 236 -32.70 37.26 -15.07
C LYS A 236 -33.69 37.30 -13.93
N ALA A 237 -33.33 37.89 -12.80
CA ALA A 237 -34.28 38.11 -11.72
C ALA A 237 -35.08 39.38 -11.98
N ASP A 238 -36.29 39.42 -11.43
CA ASP A 238 -37.17 40.57 -11.60
C ASP A 238 -37.49 41.30 -10.32
N ASN A 239 -37.07 40.80 -9.16
CA ASN A 239 -37.29 41.48 -7.89
C ASN A 239 -36.07 41.28 -7.00
N ALA A 240 -35.96 42.14 -5.98
CA ALA A 240 -34.80 42.09 -5.10
C ALA A 240 -34.75 40.81 -4.28
N ALA A 241 -35.90 40.20 -4.01
CA ALA A 241 -35.91 38.98 -3.20
C ALA A 241 -35.24 37.82 -3.92
N GLN A 242 -35.42 37.74 -5.24
CA GLN A 242 -34.77 36.67 -6.01
C GLN A 242 -33.26 36.84 -6.02
N VAL A 243 -32.77 38.07 -6.17
CA VAL A 243 -31.33 38.33 -6.14
C VAL A 243 -30.77 37.98 -4.77
N LYS A 244 -31.51 38.32 -3.71
CA LYS A 244 -31.03 38.01 -2.35
C LYS A 244 -30.93 36.50 -2.13
N ASP A 245 -31.89 35.73 -2.65
CA ASP A 245 -31.86 34.28 -2.47
C ASP A 245 -30.60 33.68 -3.07
N ALA A 246 -30.28 34.04 -4.32
CA ALA A 246 -29.11 33.48 -4.98
C ALA A 246 -27.82 33.93 -4.31
N LEU A 247 -27.74 35.20 -3.91
CA LEU A 247 -26.54 35.70 -3.26
C LEU A 247 -26.29 35.02 -1.93
N THR A 248 -27.35 34.68 -1.18
N THR A 248 -27.35 34.68 -1.19
CA THR A 248 -27.17 33.97 0.08
CA THR A 248 -27.20 33.98 0.08
C THR A 248 -26.63 32.57 -0.15
C THR A 248 -26.64 32.58 -0.15
N LYS A 249 -27.08 31.90 -1.23
CA LYS A 249 -26.56 30.58 -1.53
C LYS A 249 -25.12 30.66 -2.05
N MET A 250 -24.80 31.72 -2.81
CA MET A 250 -23.43 31.89 -3.27
C MET A 250 -22.47 32.14 -2.11
N ARG A 251 -22.89 32.96 -1.15
CA ARG A 251 -22.02 33.30 -0.04
C ARG A 251 -21.71 32.07 0.81
N ALA A 252 -22.72 31.24 1.08
CA ALA A 252 -22.48 30.01 1.82
C ALA A 252 -21.62 29.05 0.99
N ALA A 253 -21.82 29.02 -0.32
CA ALA A 253 -21.00 28.18 -1.18
C ALA A 253 -19.58 28.70 -1.27
N ALA A 254 -19.41 30.02 -1.32
CA ALA A 254 -18.07 30.60 -1.39
C ALA A 254 -17.27 30.28 -0.14
N LEU A 255 -17.88 30.45 1.04
CA LEU A 255 -17.20 30.09 2.28
C LEU A 255 -16.98 28.59 2.37
N ASP A 256 -17.87 27.79 1.79
CA ASP A 256 -17.69 26.34 1.80
C ASP A 256 -16.52 25.93 0.93
N ALA A 257 -16.33 26.60 -0.21
CA ALA A 257 -15.17 26.35 -1.05
C ALA A 257 -13.88 26.88 -0.43
N GLN A 258 -13.97 27.85 0.47
CA GLN A 258 -12.78 28.38 1.13
C GLN A 258 -12.25 27.44 2.19
N LYS A 259 -13.11 26.60 2.76
CA LYS A 259 -12.68 25.63 3.76
C LYS A 259 -11.79 24.55 3.14
N MET A 275 -1.38 30.57 -0.86
CA MET A 275 -2.49 30.70 0.08
C MET A 275 -2.91 32.16 0.22
N LYS A 276 -1.97 33.08 -0.03
CA LYS A 276 -2.28 34.49 0.07
C LYS A 276 -3.05 34.99 -1.16
N ASP A 277 -2.66 34.54 -2.35
CA ASP A 277 -3.47 34.80 -3.53
C ASP A 277 -4.78 34.02 -3.48
N PHE A 278 -4.77 32.87 -2.82
CA PHE A 278 -6.01 32.13 -2.59
C PHE A 278 -6.95 32.91 -1.69
N ARG A 279 -6.44 33.39 -0.55
CA ARG A 279 -7.29 34.11 0.39
C ARG A 279 -7.75 35.43 -0.18
N HIS A 280 -6.90 36.12 -0.93
CA HIS A 280 -7.29 37.39 -1.53
C HIS A 280 -8.41 37.22 -2.54
N GLY A 281 -8.33 36.17 -3.36
CA GLY A 281 -9.38 35.92 -4.34
C GLY A 281 -10.73 35.64 -3.69
N PHE A 282 -10.72 34.94 -2.56
CA PHE A 282 -11.97 34.69 -1.85
C PHE A 282 -12.41 35.89 -1.02
N ASP A 283 -11.46 36.69 -0.54
CA ASP A 283 -11.82 37.95 0.11
C ASP A 283 -12.58 38.86 -0.86
N ILE A 284 -12.12 38.92 -2.11
CA ILE A 284 -12.82 39.72 -3.11
C ILE A 284 -14.18 39.12 -3.42
N LEU A 285 -14.27 37.79 -3.51
CA LEU A 285 -15.52 37.14 -3.86
C LEU A 285 -16.58 37.37 -2.78
N VAL A 286 -16.24 37.09 -1.52
CA VAL A 286 -17.21 37.26 -0.44
C VAL A 286 -17.59 38.72 -0.26
N GLY A 287 -16.61 39.62 -0.36
CA GLY A 287 -16.91 41.04 -0.26
C GLY A 287 -17.83 41.53 -1.35
N GLN A 288 -17.60 41.07 -2.58
CA GLN A 288 -18.48 41.46 -3.68
C GLN A 288 -19.89 40.90 -3.49
N ILE A 289 -19.99 39.70 -2.92
CA ILE A 289 -21.31 39.13 -2.62
C ILE A 289 -22.00 39.98 -1.55
N ASP A 290 -21.25 40.38 -0.52
CA ASP A 290 -21.83 41.24 0.53
C ASP A 290 -22.25 42.59 -0.02
N ASP A 291 -21.47 43.13 -0.97
CA ASP A 291 -21.86 44.39 -1.60
C ASP A 291 -23.20 44.26 -2.30
N ALA A 292 -23.37 43.21 -3.10
CA ALA A 292 -24.63 43.01 -3.82
C ALA A 292 -25.76 42.64 -2.86
N LEU A 293 -25.45 41.91 -1.78
N LEU A 293 -25.45 41.90 -1.78
CA LEU A 293 -26.48 41.57 -0.80
CA LEU A 293 -26.46 41.57 -0.80
C LEU A 293 -27.02 42.81 -0.09
C LEU A 293 -27.03 42.83 -0.14
N LYS A 294 -26.17 43.81 0.12
CA LYS A 294 -26.63 45.05 0.74
C LYS A 294 -27.56 45.81 -0.18
N LEU A 295 -27.23 45.88 -1.47
CA LEU A 295 -28.11 46.53 -2.43
C LEU A 295 -29.42 45.76 -2.58
N ALA A 296 -29.37 44.43 -2.49
CA ALA A 296 -30.59 43.64 -2.61
C ALA A 296 -31.53 43.88 -1.43
N ASN A 297 -30.97 44.01 -0.23
CA ASN A 297 -31.80 44.29 0.95
C ASN A 297 -32.37 45.70 0.91
N GLU A 298 -31.78 46.60 0.14
CA GLU A 298 -32.31 47.94 -0.05
C GLU A 298 -33.34 48.02 -1.18
N GLY A 299 -33.66 46.90 -1.81
CA GLY A 299 -34.59 46.91 -2.92
C GLY A 299 -34.04 47.47 -4.20
N LYS A 300 -32.71 47.51 -4.35
CA LYS A 300 -32.06 48.05 -5.55
C LYS A 300 -31.68 46.87 -6.43
N VAL A 301 -32.64 46.44 -7.26
CA VAL A 301 -32.44 45.24 -8.07
C VAL A 301 -31.41 45.47 -9.16
N LYS A 302 -31.60 46.52 -9.97
CA LYS A 302 -30.66 46.81 -11.05
C LYS A 302 -29.25 47.02 -10.53
N GLU A 303 -29.12 47.71 -9.39
CA GLU A 303 -27.80 47.97 -8.84
C GLU A 303 -27.18 46.71 -8.23
N ALA A 304 -28.02 45.81 -7.71
CA ALA A 304 -27.51 44.55 -7.16
C ALA A 304 -27.04 43.61 -8.26
N GLN A 305 -27.82 43.51 -9.34
CA GLN A 305 -27.43 42.66 -10.46
C GLN A 305 -26.13 43.14 -11.09
N ALA A 306 -25.95 44.46 -11.19
CA ALA A 306 -24.69 44.98 -11.74
C ALA A 306 -23.53 44.69 -10.80
N ALA A 307 -23.77 44.73 -9.49
CA ALA A 307 -22.73 44.39 -8.53
C ALA A 307 -22.39 42.90 -8.60
N ALA A 308 -23.38 42.05 -8.85
CA ALA A 308 -23.15 40.62 -9.00
C ALA A 308 -22.43 40.30 -10.30
N GLU A 309 -22.53 41.16 -11.32
CA GLU A 309 -21.80 40.96 -12.55
C GLU A 309 -20.29 41.09 -12.36
N GLN A 310 -19.87 41.82 -11.32
CA GLN A 310 -18.44 41.95 -11.03
C GLN A 310 -17.84 40.62 -10.57
N LEU A 311 -18.68 39.72 -10.05
CA LEU A 311 -18.19 38.42 -9.60
C LEU A 311 -17.54 37.62 -10.72
N LYS A 312 -17.97 37.84 -11.96
CA LYS A 312 -17.42 37.08 -13.08
C LYS A 312 -15.95 37.39 -13.30
N THR A 313 -15.55 38.65 -13.07
CA THR A 313 -14.13 39.00 -13.16
C THR A 313 -13.33 38.27 -12.08
N THR A 314 -13.86 38.21 -10.86
CA THR A 314 -13.17 37.50 -9.79
C THR A 314 -13.14 36.01 -10.05
N ARG A 315 -14.22 35.46 -10.60
CA ARG A 315 -14.29 34.02 -10.87
C ARG A 315 -13.23 33.59 -11.88
N ASN A 316 -13.11 34.35 -12.97
CA ASN A 316 -12.13 34.00 -14.01
C ASN A 316 -10.71 34.21 -13.50
N ALA A 317 -10.45 35.30 -12.79
CA ALA A 317 -9.09 35.65 -12.41
C ALA A 317 -8.58 34.85 -11.23
N TYR A 318 -9.46 34.41 -10.34
CA TYR A 318 -9.04 33.76 -9.10
C TYR A 318 -9.70 32.40 -8.89
N ILE A 319 -11.03 32.38 -8.86
CA ILE A 319 -11.75 31.21 -8.37
C ILE A 319 -11.52 30.01 -9.29
N GLN A 320 -11.55 30.22 -10.60
CA GLN A 320 -11.34 29.11 -11.53
C GLN A 320 -9.94 28.52 -11.38
N LYS A 321 -8.95 29.35 -11.05
CA LYS A 321 -7.60 28.84 -10.83
C LYS A 321 -7.52 27.97 -9.58
N TYR A 322 -8.29 28.31 -8.55
CA TYR A 322 -8.33 27.47 -7.36
C TYR A 322 -9.05 26.15 -7.63
N LEU A 323 -10.13 26.20 -8.40
CA LEU A 323 -10.87 24.98 -8.75
C LEU A 323 -9.98 24.01 -9.51
N GLU A 324 -9.23 24.51 -10.50
CA GLU A 324 -8.39 23.63 -11.30
C GLU A 324 -7.21 23.10 -10.50
N ARG A 325 -6.64 23.91 -9.61
CA ARG A 325 -5.53 23.45 -8.79
C ARG A 325 -6.00 22.44 -7.76
N ALA A 326 -7.18 22.64 -7.17
CA ALA A 326 -7.72 21.67 -6.24
C ALA A 326 -8.03 20.36 -6.93
N ARG A 327 -8.59 20.44 -8.15
CA ARG A 327 -8.83 19.23 -8.94
C ARG A 327 -7.51 18.54 -9.29
N SER A 328 -6.47 19.32 -9.57
CA SER A 328 -5.17 18.74 -9.92
C SER A 328 -4.55 18.03 -8.72
N THR A 329 -4.68 18.60 -7.53
CA THR A 329 -4.09 17.98 -6.34
C THR A 329 -4.79 16.66 -6.01
N LEU A 330 -6.12 16.63 -6.13
CA LEU A 330 -6.86 15.39 -5.84
C LEU A 330 -6.52 14.29 -6.84
N GLN A 331 -6.40 14.64 -8.12
CA GLN A 331 -6.07 13.64 -9.13
C GLN A 331 -4.68 13.07 -8.92
N LYS A 332 -3.76 13.85 -8.35
CA LYS A 332 -2.44 13.31 -8.01
C LYS A 332 -2.52 12.39 -6.81
N GLU A 333 -3.42 12.67 -5.86
CA GLU A 333 -3.60 11.77 -4.72
C GLU A 333 -4.26 10.47 -5.15
N VAL A 334 -5.19 10.53 -6.10
CA VAL A 334 -5.76 9.31 -6.66
C VAL A 334 -4.68 8.49 -7.35
N HIS A 335 -3.87 9.15 -8.18
CA HIS A 335 -2.82 8.45 -8.90
C HIS A 335 -1.80 7.83 -7.95
N ALA A 336 -1.47 8.55 -6.86
CA ALA A 336 -0.54 8.00 -5.88
C ALA A 336 -1.17 6.84 -5.11
N ALA A 337 -2.47 6.92 -4.83
CA ALA A 337 -3.14 5.83 -4.16
C ALA A 337 -3.30 4.61 -5.05
N LYS A 338 -3.47 4.83 -6.37
CA LYS A 338 -3.54 3.69 -7.29
C LYS A 338 -2.20 2.98 -7.36
N SER A 339 -1.10 3.73 -7.37
CA SER A 339 0.23 3.12 -7.38
C SER A 339 0.45 2.26 -6.14
N ALA A 340 0.04 2.76 -4.97
CA ALA A 340 0.18 1.98 -3.74
C ALA A 340 -0.75 0.78 -3.75
N ALA A 341 -1.94 0.92 -4.34
CA ALA A 341 -2.86 -0.21 -4.43
C ALA A 341 -2.35 -1.28 -5.38
N ILE A 342 -1.63 -0.88 -6.44
CA ILE A 342 -1.03 -1.85 -7.35
C ILE A 342 0.01 -2.69 -6.62
N ILE A 343 0.79 -2.07 -5.74
N ILE A 343 0.79 -2.07 -5.74
CA ILE A 343 1.79 -2.81 -4.97
CA ILE A 343 1.79 -2.80 -4.96
C ILE A 343 1.14 -3.83 -4.05
C ILE A 343 1.11 -3.83 -4.08
N ALA A 344 0.05 -3.43 -3.39
CA ALA A 344 -0.68 -4.37 -2.52
C ALA A 344 -1.34 -5.47 -3.33
N GLY A 345 -1.89 -5.14 -4.50
CA GLY A 345 -2.49 -6.15 -5.34
C GLY A 345 -1.48 -7.15 -5.87
N LEU A 346 -0.29 -6.68 -6.25
CA LEU A 346 0.74 -7.59 -6.73
C LEU A 346 1.25 -8.50 -5.61
N PHE A 347 1.32 -7.99 -4.38
CA PHE A 347 1.63 -8.85 -3.24
C PHE A 347 0.61 -9.96 -3.10
N ALA A 348 -0.67 -9.62 -3.22
CA ALA A 348 -1.72 -10.63 -3.13
C ALA A 348 -1.64 -11.62 -4.28
N LEU A 349 -1.36 -11.13 -5.49
N LEU A 349 -1.38 -11.13 -5.49
CA LEU A 349 -1.30 -12.02 -6.64
CA LEU A 349 -1.30 -12.04 -6.63
C LEU A 349 -0.12 -12.99 -6.54
C LEU A 349 -0.13 -13.01 -6.51
N CYS A 350 1.01 -12.53 -5.99
CA CYS A 350 2.20 -13.37 -5.93
C CYS A 350 2.16 -14.38 -4.79
N TRP A 351 1.46 -14.07 -3.69
CA TRP A 351 1.46 -14.95 -2.53
C TRP A 351 0.22 -15.85 -2.45
N LEU A 352 -0.91 -15.41 -3.00
CA LEU A 352 -2.14 -16.21 -2.88
C LEU A 352 -2.02 -17.63 -3.43
N PRO A 353 -1.37 -17.90 -4.57
CA PRO A 353 -1.31 -19.28 -5.05
C PRO A 353 -0.70 -20.25 -4.04
N LEU A 354 0.40 -19.85 -3.39
CA LEU A 354 0.99 -20.71 -2.37
C LEU A 354 0.04 -20.91 -1.19
N HIS A 355 -0.65 -19.84 -0.77
CA HIS A 355 -1.63 -19.96 0.30
C HIS A 355 -2.78 -20.86 -0.10
N ILE A 356 -3.25 -20.73 -1.34
CA ILE A 356 -4.39 -21.53 -1.80
C ILE A 356 -4.00 -23.00 -1.89
N ILE A 357 -2.78 -23.29 -2.34
CA ILE A 357 -2.31 -24.67 -2.39
C ILE A 357 -2.28 -25.27 -0.99
N ASN A 358 -1.77 -24.51 -0.02
CA ASN A 358 -1.80 -24.97 1.36
C ASN A 358 -3.21 -25.27 1.83
N CYS A 359 -4.20 -24.51 1.35
CA CYS A 359 -5.59 -24.77 1.71
C CYS A 359 -6.05 -26.12 1.15
N PHE A 360 -5.65 -26.44 -0.09
CA PHE A 360 -6.00 -27.74 -0.66
C PHE A 360 -5.32 -28.87 0.10
N THR A 361 -4.04 -28.70 0.42
CA THR A 361 -3.31 -29.71 1.20
C THR A 361 -3.98 -29.94 2.54
N PHE A 362 -4.44 -28.87 3.19
CA PHE A 362 -5.02 -28.97 4.52
C PHE A 362 -6.46 -29.44 4.48
N PHE A 363 -7.29 -28.79 3.67
CA PHE A 363 -8.74 -29.02 3.71
C PHE A 363 -9.17 -30.26 2.93
N CYS A 364 -8.40 -30.72 1.95
CA CYS A 364 -8.75 -31.88 1.14
C CYS A 364 -7.65 -32.94 1.24
N PRO A 365 -7.61 -33.71 2.33
CA PRO A 365 -6.66 -34.83 2.39
C PRO A 365 -6.97 -35.93 1.38
N ASP A 366 -8.19 -36.00 0.85
CA ASP A 366 -8.51 -36.96 -0.19
C ASP A 366 -8.02 -36.51 -1.56
N CYS A 367 -7.69 -35.23 -1.73
CA CYS A 367 -7.10 -34.76 -2.96
C CYS A 367 -5.62 -35.09 -2.99
N SER A 368 -5.13 -35.50 -4.16
N SER A 368 -5.13 -35.50 -4.16
CA SER A 368 -3.70 -35.72 -4.34
CA SER A 368 -3.71 -35.72 -4.33
C SER A 368 -2.94 -34.41 -4.11
C SER A 368 -2.94 -34.41 -4.11
N HIS A 369 -1.79 -34.51 -3.47
CA HIS A 369 -0.99 -33.33 -3.18
C HIS A 369 -0.60 -32.62 -4.47
N ALA A 370 -0.63 -31.30 -4.43
CA ALA A 370 -0.18 -30.50 -5.57
C ALA A 370 1.20 -30.98 -5.99
N PRO A 371 1.45 -31.13 -7.29
CA PRO A 371 2.72 -31.73 -7.74
C PRO A 371 3.92 -30.88 -7.36
N LEU A 372 5.10 -31.52 -7.42
CA LEU A 372 6.32 -30.86 -6.99
C LEU A 372 6.62 -29.62 -7.83
N TRP A 373 6.44 -29.73 -9.15
CA TRP A 373 6.76 -28.60 -10.02
C TRP A 373 5.85 -27.40 -9.73
N LEU A 374 4.62 -27.64 -9.31
CA LEU A 374 3.71 -26.56 -8.99
C LEU A 374 4.05 -25.93 -7.65
N MET A 375 4.44 -26.74 -6.67
CA MET A 375 4.87 -26.21 -5.38
C MET A 375 6.01 -25.21 -5.56
N TYR A 376 7.03 -25.59 -6.32
CA TYR A 376 8.18 -24.71 -6.47
C TYR A 376 7.89 -23.56 -7.42
N LEU A 377 6.92 -23.73 -8.33
CA LEU A 377 6.46 -22.58 -9.11
C LEU A 377 5.77 -21.56 -8.20
N ALA A 378 4.96 -22.03 -7.24
CA ALA A 378 4.30 -21.11 -6.33
C ALA A 378 5.31 -20.45 -5.39
N ILE A 379 6.34 -21.19 -5.00
CA ILE A 379 7.37 -20.62 -4.13
C ILE A 379 8.15 -19.54 -4.87
N VAL A 380 8.55 -19.84 -6.10
N VAL A 380 8.54 -19.81 -6.11
CA VAL A 380 9.28 -18.87 -6.93
CA VAL A 380 9.31 -18.79 -6.83
C VAL A 380 8.44 -17.62 -7.16
C VAL A 380 8.44 -17.59 -7.18
N LEU A 381 7.15 -17.81 -7.43
CA LEU A 381 6.27 -16.67 -7.70
C LEU A 381 6.15 -15.78 -6.47
N ALA A 382 6.03 -16.37 -5.28
CA ALA A 382 6.01 -15.58 -4.06
C ALA A 382 7.29 -14.78 -3.91
N HIS A 383 8.43 -15.36 -4.28
CA HIS A 383 9.70 -14.66 -4.17
C HIS A 383 9.84 -13.56 -5.22
N THR A 384 9.22 -13.73 -6.39
N THR A 384 9.23 -13.72 -6.40
CA THR A 384 9.29 -12.72 -7.44
CA THR A 384 9.32 -12.68 -7.42
C THR A 384 8.66 -11.40 -7.00
C THR A 384 8.66 -11.39 -7.00
N ASN A 385 7.77 -11.43 -6.01
CA ASN A 385 7.14 -10.20 -5.53
C ASN A 385 8.17 -9.22 -4.98
N SER A 386 9.28 -9.73 -4.43
CA SER A 386 10.35 -8.86 -3.94
C SER A 386 11.11 -8.16 -5.06
N VAL A 387 10.78 -8.43 -6.32
CA VAL A 387 11.47 -7.82 -7.46
C VAL A 387 10.63 -6.68 -8.03
N VAL A 388 9.31 -6.79 -7.91
CA VAL A 388 8.42 -6.00 -8.77
C VAL A 388 8.25 -4.57 -8.28
N ASN A 389 8.31 -4.32 -6.97
CA ASN A 389 8.02 -2.98 -6.45
C ASN A 389 8.93 -1.88 -7.02
N PRO A 390 10.25 -2.07 -7.13
CA PRO A 390 11.07 -1.00 -7.74
C PRO A 390 10.61 -0.62 -9.13
N PHE A 391 10.08 -1.55 -9.91
CA PHE A 391 9.60 -1.23 -11.25
C PHE A 391 8.32 -0.42 -11.20
N ILE A 392 7.44 -0.70 -10.23
CA ILE A 392 6.21 0.05 -10.10
C ILE A 392 6.50 1.50 -9.75
N TYR A 393 7.43 1.73 -8.82
CA TYR A 393 7.82 3.09 -8.49
C TYR A 393 8.43 3.80 -9.69
N ALA A 394 9.33 3.12 -10.40
CA ALA A 394 10.00 3.73 -11.55
C ALA A 394 9.00 4.10 -12.63
N TYR A 395 8.00 3.26 -12.88
CA TYR A 395 7.03 3.52 -13.94
C TYR A 395 5.92 4.47 -13.52
N ARG A 396 5.67 4.64 -12.22
CA ARG A 396 4.50 5.39 -11.77
C ARG A 396 4.82 6.61 -10.92
N ILE A 397 6.04 6.79 -10.45
CA ILE A 397 6.40 7.92 -9.60
C ILE A 397 7.60 8.61 -10.21
N ARG A 398 7.38 9.84 -10.73
CA ARG A 398 8.45 10.55 -11.43
C ARG A 398 9.64 10.81 -10.52
N GLU A 399 9.38 11.17 -9.25
CA GLU A 399 10.47 11.51 -8.35
C GLU A 399 11.39 10.32 -8.11
N PHE A 400 10.83 9.12 -8.01
CA PHE A 400 11.66 7.92 -7.91
C PHE A 400 12.40 7.67 -9.21
N ARG A 401 11.69 7.71 -10.34
CA ARG A 401 12.30 7.41 -11.63
C ARG A 401 13.46 8.36 -11.93
N GLN A 402 13.28 9.65 -11.66
CA GLN A 402 14.36 10.61 -11.88
C GLN A 402 15.51 10.38 -10.92
N THR A 403 15.20 10.09 -9.65
CA THR A 403 16.26 9.79 -8.69
C THR A 403 16.98 8.50 -9.06
N PHE A 404 16.24 7.50 -9.53
CA PHE A 404 16.87 6.28 -10.03
C PHE A 404 17.84 6.60 -11.17
N ARG A 405 17.43 7.47 -12.09
N ARG A 405 17.44 7.47 -12.09
CA ARG A 405 18.30 7.83 -13.22
CA ARG A 405 18.31 7.81 -13.21
C ARG A 405 19.58 8.49 -12.74
C ARG A 405 19.59 8.49 -12.73
N LYS A 406 19.46 9.42 -11.77
CA LYS A 406 20.65 10.11 -11.28
C LYS A 406 21.59 9.16 -10.56
N ILE A 407 21.05 8.18 -9.83
CA ILE A 407 21.88 7.19 -9.15
C ILE A 407 22.64 6.35 -10.18
N ILE A 408 21.94 5.94 -11.24
CA ILE A 408 22.56 5.05 -12.23
C ILE A 408 23.58 5.81 -13.08
N ARG A 409 23.20 6.99 -13.57
CA ARG A 409 24.11 7.78 -14.39
C ARG A 409 25.40 8.08 -13.62
N SER A 410 25.28 8.70 -12.46
CA SER A 410 26.44 9.01 -11.64
C SER A 410 27.01 7.74 -11.01
#